data_4D8Z
#
_entry.id   4D8Z
#
_cell.length_a   98.732
_cell.length_b   98.732
_cell.length_c   263.137
_cell.angle_alpha   90.000
_cell.angle_beta   90.000
_cell.angle_gamma   120.000
#
_symmetry.space_group_name_H-M   'P 62 2 2'
#
loop_
_entity.id
_entity.type
_entity.pdbx_description
1 polymer 'Dihydropteroate Synthase'
2 non-polymer 'SULFATE ION'
3 non-polymer '(3R)-3-(7-amino-4,5-dioxo-1,4,5,6-tetrahydropyrimido[4,5-c]pyridazin-3-yl)butanoic acid'
4 water water
#
_entity_poly.entity_id   1
_entity_poly.type   'polypeptide(L)'
_entity_poly.pdbx_seq_one_letter_code
;MGSSHHHHHHSSGLVPRGSHMKWDYDLRCGEYTLNLNEKTLIMGILNVTPDSFSDGGSYNEVDAAVRHAKEMRDEGAHII
DIGGESTRPGFAKVSVEEEIKRVVPMIQAVSKEVKLPISIDTYKAEVAKQAIEAGAHIINDIWGAKAEPKIAEVAAHYDV
PIILMHNRDNMNYRNLMADMIADLYDSIKIAKDAGVRDENIILDPGIGFAKTPEQNLEAMRNLEQLNVLGYPVLLGTSRK
SFIGHVLDLPVEERLEGTGATVCLGIEKGCEFVRVHDVKEMSRMAKMMDAMIGKGVK
;
_entity_poly.pdbx_strand_id   A,B
#
loop_
_chem_comp.id
_chem_comp.type
_chem_comp.name
_chem_comp.formula
0J2 non-polymer '(3R)-3-(7-amino-4,5-dioxo-1,4,5,6-tetrahydropyrimido[4,5-c]pyridazin-3-yl)butanoic acid' 'C10 H11 N5 O4'
SO4 non-polymer 'SULFATE ION' 'O4 S -2'
#
# COMPACT_ATOMS: atom_id res chain seq x y z
N LYS A 22 -28.86 -28.78 -11.30
CA LYS A 22 -29.28 -27.71 -12.20
C LYS A 22 -28.15 -27.26 -13.15
N TRP A 23 -26.98 -26.93 -12.60
CA TRP A 23 -25.79 -26.73 -13.44
C TRP A 23 -24.88 -27.94 -13.34
N ASP A 24 -24.59 -28.55 -14.49
CA ASP A 24 -23.79 -29.77 -14.51
C ASP A 24 -22.32 -29.46 -14.68
N TYR A 25 -21.97 -28.19 -14.53
CA TYR A 25 -20.57 -27.79 -14.57
C TYR A 25 -20.28 -26.72 -13.52
N ASP A 26 -19.01 -26.56 -13.20
CA ASP A 26 -18.52 -25.50 -12.33
C ASP A 26 -17.87 -24.42 -13.18
N LEU A 27 -17.98 -23.18 -12.72
CA LEU A 27 -17.31 -22.06 -13.38
C LEU A 27 -15.84 -22.16 -13.04
N ARG A 28 -15.03 -22.53 -14.03
CA ARG A 28 -13.59 -22.66 -13.84
C ARG A 28 -12.91 -21.30 -14.01
N CYS A 29 -12.25 -20.86 -12.93
CA CYS A 29 -11.59 -19.55 -12.94
C CYS A 29 -10.12 -19.70 -12.59
N GLY A 30 -9.40 -20.47 -13.40
CA GLY A 30 -7.99 -20.69 -13.17
C GLY A 30 -7.73 -21.36 -11.84
N GLU A 31 -7.12 -20.63 -10.91
CA GLU A 31 -6.82 -21.16 -9.58
C GLU A 31 -8.06 -21.34 -8.71
N TYR A 32 -9.13 -20.60 -9.01
CA TYR A 32 -10.35 -20.69 -8.23
C TYR A 32 -11.44 -21.37 -9.03
N THR A 33 -12.34 -22.07 -8.34
CA THR A 33 -13.52 -22.63 -8.97
C THR A 33 -14.78 -22.16 -8.25
N LEU A 34 -15.79 -21.76 -9.02
CA LEU A 34 -17.06 -21.31 -8.45
C LEU A 34 -18.21 -22.26 -8.78
N ASN A 35 -18.82 -22.81 -7.75
CA ASN A 35 -19.96 -23.69 -7.89
C ASN A 35 -21.23 -22.87 -8.10
N LEU A 36 -21.96 -23.18 -9.15
CA LEU A 36 -23.14 -22.39 -9.55
C LEU A 36 -24.40 -22.84 -8.86
N ASN A 37 -24.32 -23.93 -8.10
CA ASN A 37 -25.51 -24.55 -7.53
C ASN A 37 -25.70 -24.37 -6.03
N GLU A 38 -24.61 -24.30 -5.28
CA GLU A 38 -24.71 -24.26 -3.83
C GLU A 38 -25.24 -22.94 -3.25
N LYS A 39 -24.99 -21.82 -3.92
CA LYS A 39 -25.39 -20.52 -3.38
C LYS A 39 -25.34 -19.42 -4.43
N THR A 40 -26.11 -18.36 -4.22
CA THR A 40 -25.98 -17.17 -5.06
C THR A 40 -24.60 -16.56 -4.85
N LEU A 41 -23.88 -16.34 -5.95
CA LEU A 41 -22.51 -15.82 -5.87
C LEU A 41 -22.50 -14.29 -5.83
N ILE A 42 -21.72 -13.73 -4.92
CA ILE A 42 -21.74 -12.29 -4.72
C ILE A 42 -20.54 -11.64 -5.39
N MET A 43 -20.80 -10.75 -6.33
CA MET A 43 -19.72 -9.98 -6.93
C MET A 43 -19.62 -8.58 -6.30
N GLY A 44 -18.51 -8.31 -5.61
CA GLY A 44 -18.32 -7.02 -4.96
C GLY A 44 -17.71 -6.01 -5.91
N ILE A 45 -18.26 -4.80 -5.94
CA ILE A 45 -17.80 -3.73 -6.82
C ILE A 45 -16.71 -2.89 -6.17
N LEU A 46 -15.48 -2.95 -6.69
CA LEU A 46 -14.34 -2.24 -6.08
C LEU A 46 -14.33 -0.73 -6.37
N ASN A 47 -14.03 0.08 -5.34
CA ASN A 47 -13.86 1.52 -5.53
C ASN A 47 -12.76 1.90 -6.53
N THR A 49 -11.26 4.73 -7.17
CA THR A 49 -11.05 6.16 -6.95
C THR A 49 -9.61 6.57 -7.24
N PRO A 50 -9.38 7.25 -8.37
CA PRO A 50 -8.05 7.58 -8.88
C PRO A 50 -7.32 8.66 -8.08
N ASP A 51 -6.00 8.61 -8.06
CA ASP A 51 -5.21 9.69 -7.49
C ASP A 51 -5.12 10.85 -8.48
N SER A 52 -5.43 12.05 -7.99
CA SER A 52 -5.48 13.24 -8.84
C SER A 52 -4.16 13.62 -9.51
N PHE A 53 -3.04 13.11 -8.99
CA PHE A 53 -1.74 13.54 -9.50
C PHE A 53 -0.92 12.43 -10.13
N SER A 54 -1.54 11.29 -10.39
CA SER A 54 -0.84 10.19 -11.02
C SER A 54 -1.62 9.60 -12.20
N ASP A 55 -0.90 8.86 -13.04
CA ASP A 55 -1.48 8.17 -14.18
C ASP A 55 -1.79 6.73 -13.79
N GLY A 56 -1.48 6.40 -12.53
CA GLY A 56 -1.80 5.09 -11.98
C GLY A 56 -0.67 4.49 -11.15
N GLY A 57 -1.00 3.47 -10.36
CA GLY A 57 0.01 2.72 -9.65
C GLY A 57 0.43 3.26 -8.28
N SER A 58 -0.06 4.46 -7.96
CA SER A 58 0.31 5.14 -6.73
C SER A 58 -0.09 4.40 -5.49
N TYR A 59 0.65 4.63 -4.40
CA TYR A 59 0.43 3.92 -3.15
C TYR A 59 -0.94 4.17 -2.57
N ASN A 60 -1.35 5.43 -2.51
CA ASN A 60 -2.66 5.72 -1.93
C ASN A 60 -3.80 4.98 -2.62
N GLU A 61 -3.89 5.10 -3.94
CA GLU A 61 -5.03 4.52 -4.64
C GLU A 61 -4.99 2.99 -4.64
N VAL A 62 -3.82 2.40 -4.85
CA VAL A 62 -3.72 0.95 -4.83
C VAL A 62 -3.93 0.37 -3.42
N ASP A 63 -3.42 1.04 -2.40
CA ASP A 63 -3.65 0.59 -1.04
C ASP A 63 -5.13 0.68 -0.64
N ALA A 64 -5.80 1.75 -1.04
CA ALA A 64 -7.23 1.88 -0.79
C ALA A 64 -7.98 0.72 -1.44
N ALA A 65 -7.58 0.39 -2.67
CA ALA A 65 -8.20 -0.68 -3.43
C ALA A 65 -8.04 -2.03 -2.73
N VAL A 66 -6.81 -2.36 -2.35
CA VAL A 66 -6.56 -3.61 -1.64
C VAL A 66 -7.38 -3.68 -0.35
N ARG A 67 -7.44 -2.56 0.39
CA ARG A 67 -8.19 -2.56 1.64
C ARG A 67 -9.68 -2.77 1.43
N HIS A 68 -10.21 -2.19 0.35
CA HIS A 68 -11.61 -2.43 0.01
C HIS A 68 -11.85 -3.88 -0.44
N ALA A 69 -10.94 -4.42 -1.24
CA ALA A 69 -11.07 -5.80 -1.69
C ALA A 69 -11.11 -6.74 -0.49
N LYS A 70 -10.18 -6.53 0.44
CA LYS A 70 -10.07 -7.30 1.68
C LYS A 70 -11.33 -7.22 2.51
N GLU A 71 -11.87 -6.02 2.64
CA GLU A 71 -13.09 -5.83 3.41
C GLU A 71 -14.25 -6.59 2.73
N MET A 72 -14.35 -6.45 1.42
CA MET A 72 -15.42 -7.14 0.71
C MET A 72 -15.25 -8.65 0.83
N ARG A 73 -14.00 -9.12 0.76
CA ARG A 73 -13.72 -10.52 0.99
C ARG A 73 -14.28 -10.92 2.35
N ASP A 74 -14.00 -10.10 3.35
CA ASP A 74 -14.45 -10.38 4.72
C ASP A 74 -15.97 -10.37 4.86
N GLU A 75 -16.65 -9.58 4.03
CA GLU A 75 -18.11 -9.45 4.16
C GLU A 75 -18.94 -10.46 3.36
N GLY A 76 -18.27 -11.33 2.61
CA GLY A 76 -18.95 -12.41 1.92
C GLY A 76 -18.92 -12.38 0.39
N ALA A 77 -18.07 -11.53 -0.16
CA ALA A 77 -17.89 -11.45 -1.61
C ALA A 77 -17.19 -12.71 -2.12
N HIS A 78 -17.62 -13.19 -3.29
CA HIS A 78 -17.00 -14.37 -3.91
C HIS A 78 -16.13 -13.94 -5.09
N ILE A 79 -16.39 -12.74 -5.59
CA ILE A 79 -15.66 -12.20 -6.74
C ILE A 79 -15.44 -10.72 -6.52
N ILE A 80 -14.30 -10.22 -6.99
CA ILE A 80 -14.00 -8.80 -6.88
C ILE A 80 -14.00 -8.20 -8.28
N ASP A 81 -14.87 -7.23 -8.51
CA ASP A 81 -15.03 -6.62 -9.83
C ASP A 81 -14.22 -5.32 -9.91
N ILE A 82 -13.24 -5.29 -10.80
CA ILE A 82 -12.33 -4.16 -10.87
C ILE A 82 -12.45 -3.41 -12.19
N GLY A 83 -12.85 -2.14 -12.10
CA GLY A 83 -13.05 -1.30 -13.26
C GLY A 83 -14.05 -0.19 -12.96
N LYS A 93 -14.50 10.23 -20.33
CA LYS A 93 -14.10 8.88 -20.78
C LYS A 93 -12.62 8.86 -21.17
N VAL A 94 -11.91 7.81 -20.74
CA VAL A 94 -10.46 7.75 -20.87
C VAL A 94 -9.97 6.88 -22.02
N SER A 95 -8.66 6.93 -22.26
CA SER A 95 -8.06 6.18 -23.36
C SER A 95 -7.65 4.79 -22.94
N VAL A 96 -7.46 3.91 -23.91
CA VAL A 96 -6.99 2.56 -23.64
C VAL A 96 -5.69 2.57 -22.86
N GLU A 97 -4.76 3.45 -23.24
CA GLU A 97 -3.48 3.50 -22.53
C GLU A 97 -3.63 3.87 -21.06
N GLU A 98 -4.39 4.93 -20.80
CA GLU A 98 -4.67 5.34 -19.43
C GLU A 98 -5.42 4.27 -18.66
N GLU A 99 -6.46 3.70 -19.28
CA GLU A 99 -7.27 2.68 -18.64
C GLU A 99 -6.39 1.54 -18.13
N ILE A 100 -5.45 1.11 -18.97
CA ILE A 100 -4.50 0.06 -18.57
C ILE A 100 -3.55 0.52 -17.46
N LYS A 101 -2.98 1.72 -17.60
CA LYS A 101 -2.02 2.22 -16.60
C LYS A 101 -2.67 2.29 -15.23
N ARG A 102 -3.97 2.58 -15.22
CA ARG A 102 -4.74 2.69 -13.99
C ARG A 102 -5.12 1.33 -13.40
N VAL A 103 -5.67 0.43 -14.21
CA VAL A 103 -6.27 -0.80 -13.69
C VAL A 103 -5.27 -1.94 -13.44
N VAL A 104 -4.19 -1.98 -14.20
CA VAL A 104 -3.24 -3.07 -14.09
C VAL A 104 -2.57 -3.17 -12.70
N PRO A 105 -2.11 -2.02 -12.12
CA PRO A 105 -1.52 -2.10 -10.78
C PRO A 105 -2.52 -2.64 -9.75
N MET A 106 -3.77 -2.26 -9.87
CA MET A 106 -4.81 -2.72 -8.95
C MET A 106 -5.03 -4.23 -9.02
N ILE A 107 -5.15 -4.74 -10.23
CA ILE A 107 -5.29 -6.18 -10.43
C ILE A 107 -4.09 -6.93 -9.83
N GLN A 108 -2.89 -6.41 -10.09
CA GLN A 108 -1.66 -7.01 -9.57
C GLN A 108 -1.59 -7.11 -8.03
N ALA A 109 -1.96 -6.05 -7.33
CA ALA A 109 -1.97 -6.08 -5.87
C ALA A 109 -3.11 -6.96 -5.33
N VAL A 110 -4.33 -6.69 -5.77
CA VAL A 110 -5.48 -7.40 -5.26
C VAL A 110 -5.35 -8.91 -5.48
N SER A 111 -4.84 -9.30 -6.63
CA SER A 111 -4.76 -10.72 -6.95
C SER A 111 -3.73 -11.39 -6.05
N LYS A 112 -2.69 -10.64 -5.69
CA LYS A 112 -1.65 -11.13 -4.79
C LYS A 112 -2.19 -11.25 -3.38
N GLU A 113 -2.89 -10.22 -2.92
CA GLU A 113 -3.20 -10.07 -1.50
C GLU A 113 -4.59 -10.51 -1.09
N VAL A 114 -5.46 -10.74 -2.08
CA VAL A 114 -6.83 -11.19 -1.85
C VAL A 114 -7.15 -12.46 -2.66
N LYS A 115 -7.36 -13.57 -1.96
CA LYS A 115 -7.55 -14.85 -2.61
C LYS A 115 -9.02 -15.05 -3.05
N LEU A 116 -9.42 -14.29 -4.06
CA LEU A 116 -10.73 -14.35 -4.67
C LEU A 116 -10.55 -14.10 -6.16
N PRO A 117 -11.42 -14.71 -6.98
CA PRO A 117 -11.31 -14.48 -8.43
C PRO A 117 -11.59 -13.01 -8.76
N ILE A 118 -10.86 -12.51 -9.75
CA ILE A 118 -11.01 -11.11 -10.14
C ILE A 118 -11.63 -11.01 -11.52
N SER A 119 -12.55 -10.06 -11.68
CA SER A 119 -13.07 -9.75 -12.99
C SER A 119 -12.68 -8.33 -13.39
N ILE A 120 -12.34 -8.16 -14.66
CA ILE A 120 -12.00 -6.84 -15.18
C ILE A 120 -13.23 -6.27 -15.87
N ASP A 121 -13.67 -5.11 -15.38
CA ASP A 121 -14.83 -4.40 -15.89
C ASP A 121 -14.42 -3.54 -17.07
N THR A 122 -14.32 -4.14 -18.26
CA THR A 122 -13.96 -3.41 -19.47
C THR A 122 -14.73 -3.92 -20.68
N TYR A 123 -14.74 -3.14 -21.75
CA TYR A 123 -15.31 -3.60 -23.01
C TYR A 123 -14.31 -3.43 -24.13
N LYS A 124 -13.05 -3.24 -23.76
CA LYS A 124 -11.99 -3.06 -24.74
C LYS A 124 -11.08 -4.28 -24.80
N ALA A 125 -10.87 -4.80 -26.00
CA ALA A 125 -10.09 -6.00 -26.18
C ALA A 125 -8.72 -5.91 -25.51
N GLU A 126 -8.00 -4.82 -25.74
CA GLU A 126 -6.62 -4.70 -25.24
C GLU A 126 -6.56 -4.54 -23.72
N VAL A 127 -7.55 -3.86 -23.16
CA VAL A 127 -7.63 -3.73 -21.71
C VAL A 127 -7.85 -5.11 -21.10
N ALA A 128 -8.72 -5.91 -21.71
CA ALA A 128 -9.02 -7.23 -21.19
C ALA A 128 -7.77 -8.11 -21.22
N LYS A 129 -7.04 -8.08 -22.33
CA LYS A 129 -5.79 -8.82 -22.44
C LYS A 129 -4.82 -8.45 -21.31
N GLN A 130 -4.53 -7.15 -21.18
CA GLN A 130 -3.61 -6.67 -20.15
C GLN A 130 -4.01 -7.10 -18.74
N ALA A 131 -5.29 -6.93 -18.44
CA ALA A 131 -5.83 -7.28 -17.13
C ALA A 131 -5.66 -8.77 -16.80
N ILE A 132 -5.94 -9.63 -17.77
CA ILE A 132 -5.79 -11.07 -17.55
C ILE A 132 -4.34 -11.46 -17.36
N GLU A 133 -3.47 -10.85 -18.17
CA GLU A 133 -2.04 -11.01 -17.99
C GLU A 133 -1.66 -10.56 -16.58
N ALA A 134 -2.22 -9.42 -16.19
CA ALA A 134 -2.00 -8.87 -14.86
C ALA A 134 -2.54 -9.76 -13.75
N GLY A 135 -3.53 -10.61 -14.05
CA GLY A 135 -4.06 -11.53 -13.06
C GLY A 135 -5.56 -11.69 -12.95
N ALA A 136 -6.33 -10.93 -13.73
CA ALA A 136 -7.79 -11.08 -13.77
C ALA A 136 -8.23 -12.47 -14.29
N HIS A 137 -9.33 -12.99 -13.74
CA HIS A 137 -9.79 -14.35 -14.02
C HIS A 137 -11.01 -14.36 -14.94
N ILE A 138 -11.78 -13.28 -14.90
CA ILE A 138 -13.04 -13.17 -15.61
C ILE A 138 -13.12 -11.83 -16.35
N ILE A 139 -13.75 -11.84 -17.52
CA ILE A 139 -13.98 -10.60 -18.26
C ILE A 139 -15.42 -10.18 -18.07
N ASN A 140 -15.63 -8.88 -17.85
CA ASN A 140 -16.95 -8.34 -17.61
C ASN A 140 -17.24 -7.19 -18.57
N ASP A 141 -17.98 -7.50 -19.63
CA ASP A 141 -18.15 -6.58 -20.75
C ASP A 141 -19.56 -5.99 -20.84
N ILE A 142 -19.70 -4.70 -20.52
CA ILE A 142 -21.00 -4.04 -20.56
C ILE A 142 -21.59 -3.84 -21.97
N TRP A 143 -20.78 -4.06 -23.00
CA TRP A 143 -21.28 -3.97 -24.37
C TRP A 143 -21.47 -5.31 -25.03
N GLY A 144 -21.28 -6.38 -24.28
CA GLY A 144 -21.58 -7.72 -24.78
C GLY A 144 -20.79 -8.13 -26.00
N ALA A 145 -19.54 -7.69 -26.07
CA ALA A 145 -18.64 -8.05 -27.16
C ALA A 145 -19.01 -7.37 -28.48
N LYS A 146 -19.94 -6.42 -28.43
CA LYS A 146 -20.34 -5.70 -29.63
C LYS A 146 -19.52 -4.41 -29.85
N ALA A 147 -18.89 -3.91 -28.80
CA ALA A 147 -18.05 -2.72 -28.95
C ALA A 147 -16.72 -3.09 -29.58
N GLU A 148 -16.12 -4.19 -29.11
CA GLU A 148 -14.89 -4.69 -29.68
C GLU A 148 -14.93 -6.20 -29.76
N PRO A 149 -15.51 -6.71 -30.85
CA PRO A 149 -15.66 -8.15 -31.03
C PRO A 149 -14.37 -8.89 -30.69
N LYS A 150 -13.23 -8.25 -30.89
CA LYS A 150 -11.93 -8.86 -30.62
C LYS A 150 -11.76 -9.27 -29.15
N ILE A 151 -12.53 -8.64 -28.26
CA ILE A 151 -12.51 -9.02 -26.86
C ILE A 151 -12.92 -10.47 -26.69
N ALA A 152 -13.79 -10.93 -27.58
CA ALA A 152 -14.28 -12.30 -27.54
C ALA A 152 -13.14 -13.22 -27.86
N GLU A 153 -12.28 -12.78 -28.77
CA GLU A 153 -11.11 -13.57 -29.16
C GLU A 153 -10.14 -13.64 -27.99
N VAL A 154 -9.96 -12.53 -27.29
CA VAL A 154 -9.12 -12.53 -26.09
C VAL A 154 -9.69 -13.55 -25.11
N ALA A 155 -11.01 -13.50 -24.92
CA ALA A 155 -11.71 -14.42 -24.04
C ALA A 155 -11.44 -15.88 -24.43
N ALA A 156 -11.67 -16.19 -25.71
CA ALA A 156 -11.45 -17.54 -26.20
C ALA A 156 -10.00 -17.94 -25.96
N HIS A 157 -9.09 -17.10 -26.43
CA HIS A 157 -7.66 -17.34 -26.27
C HIS A 157 -7.22 -17.72 -24.85
N TYR A 158 -7.56 -16.88 -23.87
CA TYR A 158 -7.13 -17.10 -22.49
C TYR A 158 -8.02 -18.07 -21.72
N ASP A 159 -9.15 -18.43 -22.33
CA ASP A 159 -10.06 -19.44 -21.79
C ASP A 159 -10.68 -19.02 -20.47
N VAL A 160 -11.04 -17.74 -20.36
CA VAL A 160 -11.69 -17.21 -19.17
C VAL A 160 -13.20 -17.04 -19.36
N PRO A 161 -13.96 -17.07 -18.26
CA PRO A 161 -15.38 -16.80 -18.40
C PRO A 161 -15.59 -15.35 -18.83
N ILE A 162 -16.60 -15.08 -19.64
CA ILE A 162 -16.92 -13.72 -20.04
C ILE A 162 -18.39 -13.40 -19.77
N ILE A 163 -18.62 -12.22 -19.19
CA ILE A 163 -19.97 -11.75 -18.89
C ILE A 163 -20.43 -10.87 -20.03
N LEU A 164 -21.50 -11.28 -20.71
CA LEU A 164 -22.05 -10.50 -21.80
C LEU A 164 -23.30 -9.80 -21.32
N MET A 165 -23.19 -8.49 -21.10
CA MET A 165 -24.33 -7.71 -20.66
C MET A 165 -25.17 -7.20 -21.83
N HIS A 166 -26.48 -7.13 -21.64
CA HIS A 166 -27.33 -6.53 -22.65
C HIS A 166 -27.12 -5.02 -22.71
N ASN A 167 -26.87 -4.51 -23.90
CA ASN A 167 -26.74 -3.06 -24.09
C ASN A 167 -27.16 -2.70 -25.50
N ARG A 168 -27.38 -1.41 -25.72
CA ARG A 168 -27.62 -0.87 -27.05
C ARG A 168 -27.66 0.64 -26.96
N ASP A 169 -27.55 1.30 -28.12
CA ASP A 169 -27.35 2.73 -28.12
C ASP A 169 -28.67 3.49 -28.16
N ASN A 170 -29.77 2.74 -28.18
CA ASN A 170 -31.10 3.31 -28.22
C ASN A 170 -32.04 2.52 -27.33
N MET A 171 -33.25 3.01 -27.12
CA MET A 171 -34.23 2.26 -26.37
C MET A 171 -35.54 2.08 -27.14
N ASN A 172 -35.42 1.85 -28.44
CA ASN A 172 -36.59 1.74 -29.29
C ASN A 172 -37.02 0.28 -29.51
N TYR A 173 -37.63 -0.28 -28.48
CA TYR A 173 -38.01 -1.68 -28.47
C TYR A 173 -39.41 -1.92 -29.05
N ARG A 174 -39.67 -3.15 -29.47
CA ARG A 174 -41.00 -3.53 -29.93
C ARG A 174 -41.56 -4.58 -28.99
N ASN A 175 -40.66 -5.21 -28.26
CA ASN A 175 -41.03 -6.17 -27.22
C ASN A 175 -39.81 -6.33 -26.35
N LEU A 176 -39.77 -5.56 -25.26
CA LEU A 176 -38.58 -5.42 -24.41
C LEU A 176 -37.86 -6.74 -24.19
N MET A 177 -38.55 -7.73 -23.61
CA MET A 177 -37.91 -9.00 -23.29
C MET A 177 -37.49 -9.75 -24.55
N ALA A 178 -38.36 -9.73 -25.55
CA ALA A 178 -38.07 -10.41 -26.79
C ALA A 178 -36.83 -9.78 -27.38
N ASP A 179 -36.80 -8.46 -27.41
CA ASP A 179 -35.67 -7.74 -28.00
C ASP A 179 -34.40 -7.98 -27.21
N MET A 180 -34.49 -7.95 -25.89
CA MET A 180 -33.33 -8.18 -25.04
C MET A 180 -32.72 -9.53 -25.35
N ILE A 181 -33.57 -10.54 -25.43
CA ILE A 181 -33.12 -11.91 -25.66
C ILE A 181 -32.49 -12.06 -27.05
N ALA A 182 -33.05 -11.36 -28.04
CA ALA A 182 -32.44 -11.34 -29.36
C ALA A 182 -31.05 -10.71 -29.24
N ASP A 183 -31.01 -9.50 -28.70
CA ASP A 183 -29.73 -8.80 -28.48
C ASP A 183 -28.70 -9.66 -27.74
N LEU A 184 -29.08 -10.20 -26.59
CA LEU A 184 -28.17 -11.04 -25.83
C LEU A 184 -27.68 -12.14 -26.75
N TYR A 185 -28.61 -12.69 -27.53
CA TYR A 185 -28.23 -13.80 -28.37
C TYR A 185 -27.24 -13.41 -29.47
N ASP A 186 -27.39 -12.21 -30.02
CA ASP A 186 -26.38 -11.69 -30.93
C ASP A 186 -25.00 -11.66 -30.28
N SER A 187 -24.94 -11.50 -28.95
CA SER A 187 -23.64 -11.47 -28.28
C SER A 187 -23.11 -12.88 -28.12
N ILE A 188 -23.99 -13.82 -27.82
CA ILE A 188 -23.59 -15.22 -27.72
C ILE A 188 -22.94 -15.69 -29.03
N LYS A 189 -23.52 -15.25 -30.14
CA LYS A 189 -23.01 -15.64 -31.46
C LYS A 189 -21.59 -15.10 -31.70
N ILE A 190 -21.39 -13.81 -31.43
CA ILE A 190 -20.08 -13.21 -31.58
C ILE A 190 -19.07 -13.97 -30.72
N ALA A 191 -19.51 -14.34 -29.53
CA ALA A 191 -18.66 -15.02 -28.56
C ALA A 191 -18.32 -16.45 -29.00
N LYS A 192 -19.33 -17.21 -29.43
CA LYS A 192 -19.11 -18.59 -29.86
C LYS A 192 -18.39 -18.67 -31.21
N ASP A 193 -18.63 -17.68 -32.04
CA ASP A 193 -17.93 -17.58 -33.31
C ASP A 193 -16.45 -17.39 -33.05
N ALA A 194 -16.12 -16.73 -31.95
CA ALA A 194 -14.73 -16.44 -31.62
C ALA A 194 -14.02 -17.62 -30.96
N GLY A 195 -14.79 -18.62 -30.54
CA GLY A 195 -14.23 -19.79 -29.91
C GLY A 195 -14.55 -19.93 -28.43
N VAL A 196 -15.39 -19.04 -27.91
CA VAL A 196 -15.77 -19.09 -26.50
C VAL A 196 -16.64 -20.33 -26.23
N ARG A 197 -16.20 -21.17 -25.29
CA ARG A 197 -16.98 -22.33 -24.87
C ARG A 197 -18.24 -21.92 -24.11
N ASP A 198 -19.33 -22.64 -24.34
CA ASP A 198 -20.58 -22.37 -23.65
C ASP A 198 -20.39 -22.14 -22.15
N GLU A 199 -19.50 -22.92 -21.55
CA GLU A 199 -19.30 -22.92 -20.10
C GLU A 199 -18.56 -21.69 -19.62
N ASN A 200 -18.09 -20.90 -20.57
CA ASN A 200 -17.40 -19.66 -20.27
C ASN A 200 -18.28 -18.45 -20.51
N ILE A 201 -19.56 -18.67 -20.76
CA ILE A 201 -20.50 -17.59 -21.04
C ILE A 201 -21.47 -17.35 -19.88
N ILE A 202 -21.56 -16.10 -19.47
CA ILE A 202 -22.50 -15.65 -18.47
C ILE A 202 -23.27 -14.50 -19.07
N LEU A 203 -24.55 -14.38 -18.75
CA LEU A 203 -25.36 -13.29 -19.27
C LEU A 203 -25.75 -12.27 -18.17
N ASP A 204 -26.06 -11.05 -18.60
CA ASP A 204 -26.47 -9.97 -17.71
C ASP A 204 -27.54 -9.14 -18.42
N PRO A 205 -28.69 -8.91 -17.77
CA PRO A 205 -29.77 -8.18 -18.45
C PRO A 205 -29.49 -6.71 -18.68
N GLY A 206 -28.40 -6.18 -18.16
CA GLY A 206 -28.10 -4.77 -18.40
C GLY A 206 -29.16 -3.81 -17.89
N ILE A 207 -29.66 -4.06 -16.67
CA ILE A 207 -30.56 -3.11 -16.00
C ILE A 207 -29.86 -1.77 -15.87
N GLY A 208 -30.61 -0.68 -16.03
CA GLY A 208 -30.08 0.66 -15.94
C GLY A 208 -29.39 1.11 -17.21
N PHE A 209 -29.36 0.22 -18.19
CA PHE A 209 -28.76 0.52 -19.50
C PHE A 209 -29.78 0.54 -20.62
N ALA A 210 -29.73 1.61 -21.42
CA ALA A 210 -30.62 1.78 -22.57
C ALA A 210 -32.05 1.39 -22.22
N LYS A 211 -32.47 1.70 -21.00
CA LYS A 211 -33.82 1.37 -20.58
C LYS A 211 -34.39 2.49 -19.74
N THR A 212 -35.65 2.82 -20.01
CA THR A 212 -36.42 3.74 -19.18
C THR A 212 -36.65 3.13 -17.81
N PRO A 213 -37.03 3.95 -16.83
CA PRO A 213 -37.32 3.36 -15.52
C PRO A 213 -38.38 2.29 -15.63
N GLU A 214 -39.46 2.58 -16.34
CA GLU A 214 -40.55 1.61 -16.49
C GLU A 214 -40.04 0.35 -17.16
N GLN A 215 -39.11 0.50 -18.09
CA GLN A 215 -38.53 -0.65 -18.78
C GLN A 215 -37.63 -1.50 -17.88
N ASN A 216 -36.84 -0.85 -17.04
CA ASN A 216 -36.05 -1.54 -16.04
C ASN A 216 -36.91 -2.34 -15.08
N LEU A 217 -38.03 -1.77 -14.65
CA LEU A 217 -38.96 -2.51 -13.82
C LEU A 217 -39.54 -3.72 -14.56
N GLU A 218 -39.80 -3.55 -15.86
CA GLU A 218 -40.41 -4.64 -16.65
C GLU A 218 -39.42 -5.77 -16.80
N ALA A 219 -38.16 -5.41 -17.04
CA ALA A 219 -37.11 -6.42 -17.12
C ALA A 219 -36.98 -7.19 -15.82
N MET A 220 -36.99 -6.49 -14.69
CA MET A 220 -36.93 -7.16 -13.39
C MET A 220 -38.10 -8.12 -13.26
N ARG A 221 -39.28 -7.62 -13.64
CA ARG A 221 -40.49 -8.42 -13.52
C ARG A 221 -40.45 -9.72 -14.36
N ASN A 222 -39.73 -9.70 -15.48
CA ASN A 222 -39.72 -10.89 -16.37
C ASN A 222 -38.35 -11.52 -16.51
N LEU A 223 -37.48 -11.18 -15.57
CA LEU A 223 -36.12 -11.70 -15.55
C LEU A 223 -36.01 -13.21 -15.80
N GLU A 224 -36.96 -13.99 -15.29
CA GLU A 224 -36.84 -15.45 -15.43
C GLU A 224 -36.82 -15.94 -16.89
N GLN A 225 -37.23 -15.09 -17.83
CA GLN A 225 -37.16 -15.47 -19.25
C GLN A 225 -35.73 -15.65 -19.74
N LEU A 226 -34.76 -15.00 -19.09
CA LEU A 226 -33.39 -15.12 -19.58
C LEU A 226 -32.92 -16.56 -19.47
N ASN A 227 -33.56 -17.32 -18.59
CA ASN A 227 -33.14 -18.68 -18.31
C ASN A 227 -33.19 -19.62 -19.51
N VAL A 228 -34.14 -19.40 -20.42
CA VAL A 228 -34.31 -20.32 -21.55
C VAL A 228 -33.05 -20.37 -22.39
N LEU A 229 -32.28 -19.28 -22.40
CA LEU A 229 -31.05 -19.26 -23.19
C LEU A 229 -30.01 -20.28 -22.69
N GLY A 230 -30.24 -20.81 -21.49
CA GLY A 230 -29.37 -21.85 -20.97
C GLY A 230 -28.03 -21.43 -20.39
N TYR A 231 -27.85 -20.14 -20.05
CA TYR A 231 -26.59 -19.71 -19.40
C TYR A 231 -26.78 -19.03 -18.04
N PRO A 232 -25.79 -19.16 -17.14
CA PRO A 232 -25.87 -18.46 -15.85
C PRO A 232 -26.14 -16.98 -16.06
N VAL A 233 -26.93 -16.39 -15.18
CA VAL A 233 -27.27 -14.98 -15.27
C VAL A 233 -26.70 -14.19 -14.08
N LEU A 234 -26.11 -13.03 -14.38
CA LEU A 234 -25.65 -12.13 -13.33
C LEU A 234 -26.50 -10.87 -13.34
N LEU A 235 -26.94 -10.44 -12.16
CA LEU A 235 -27.79 -9.25 -12.06
C LEU A 235 -27.01 -8.07 -11.50
N GLY A 236 -27.17 -6.90 -12.13
CA GLY A 236 -26.45 -5.72 -11.71
C GLY A 236 -27.41 -4.56 -11.53
N THR A 237 -27.91 -4.39 -10.32
CA THR A 237 -28.91 -3.37 -10.03
C THR A 237 -28.48 -2.41 -8.92
N SER A 238 -27.33 -2.69 -8.28
CA SER A 238 -26.96 -2.00 -7.04
C SER A 238 -27.09 -0.49 -7.10
N ARG A 239 -27.92 0.06 -6.23
CA ARG A 239 -28.01 1.52 -6.07
C ARG A 239 -28.35 2.25 -7.37
N LYS A 240 -28.85 1.51 -8.37
CA LYS A 240 -29.12 2.12 -9.66
C LYS A 240 -30.22 3.17 -9.61
N SER A 241 -30.21 4.05 -10.60
CA SER A 241 -31.15 5.15 -10.69
C SER A 241 -32.64 4.74 -10.71
N PHE A 242 -32.97 3.56 -11.22
CA PHE A 242 -34.39 3.19 -11.30
C PHE A 242 -34.99 2.92 -9.92
N ILE A 243 -34.14 2.50 -8.98
CA ILE A 243 -34.52 2.30 -7.60
C ILE A 243 -34.82 3.66 -6.98
N GLY A 244 -33.98 4.63 -7.31
CA GLY A 244 -34.18 5.98 -6.83
C GLY A 244 -35.45 6.54 -7.41
N HIS A 245 -35.77 6.13 -8.63
CA HIS A 245 -36.95 6.65 -9.30
C HIS A 245 -38.21 6.10 -8.64
N VAL A 246 -38.14 4.85 -8.19
CA VAL A 246 -39.29 4.25 -7.49
C VAL A 246 -39.44 4.85 -6.11
N LEU A 247 -38.36 4.81 -5.33
CA LEU A 247 -38.41 5.19 -3.93
C LEU A 247 -38.27 6.71 -3.72
N ASP A 248 -37.83 7.41 -4.75
CA ASP A 248 -37.44 8.81 -4.62
C ASP A 248 -36.43 9.00 -3.48
N LEU A 249 -35.27 8.35 -3.62
CA LEU A 249 -34.19 8.44 -2.66
C LEU A 249 -32.85 8.55 -3.37
N PRO A 250 -31.89 9.26 -2.76
CA PRO A 250 -30.57 9.42 -3.36
C PRO A 250 -29.76 8.14 -3.26
N VAL A 251 -28.67 8.08 -4.02
CA VAL A 251 -27.83 6.89 -4.12
C VAL A 251 -27.47 6.27 -2.77
N GLU A 252 -27.10 7.09 -1.79
CA GLU A 252 -26.64 6.54 -0.53
C GLU A 252 -27.79 5.96 0.30
N GLU A 253 -29.03 6.29 -0.09
CA GLU A 253 -30.21 5.78 0.59
C GLU A 253 -30.91 4.64 -0.16
N ARG A 254 -30.16 3.79 -0.85
CA ARG A 254 -30.80 2.79 -1.71
C ARG A 254 -30.53 1.34 -1.33
N LEU A 255 -30.15 1.11 -0.08
CA LEU A 255 -29.85 -0.25 0.36
C LEU A 255 -31.09 -1.16 0.38
N GLU A 256 -32.22 -0.63 0.83
CA GLU A 256 -33.46 -1.40 0.89
C GLU A 256 -33.99 -1.72 -0.51
N GLY A 257 -33.91 -0.75 -1.41
CA GLY A 257 -34.30 -0.97 -2.79
C GLY A 257 -33.40 -1.96 -3.51
N THR A 258 -32.08 -1.77 -3.38
CA THR A 258 -31.14 -2.73 -3.95
C THR A 258 -31.51 -4.11 -3.42
N GLY A 259 -31.72 -4.20 -2.11
CA GLY A 259 -32.09 -5.45 -1.50
C GLY A 259 -33.28 -6.11 -2.19
N ALA A 260 -34.34 -5.34 -2.43
CA ALA A 260 -35.55 -5.87 -3.05
C ALA A 260 -35.21 -6.48 -4.40
N THR A 261 -34.48 -5.73 -5.21
CA THR A 261 -34.12 -6.20 -6.55
C THR A 261 -33.27 -7.46 -6.49
N VAL A 262 -32.36 -7.53 -5.52
CA VAL A 262 -31.53 -8.72 -5.35
C VAL A 262 -32.40 -9.92 -4.99
N CYS A 263 -33.33 -9.70 -4.07
CA CYS A 263 -34.22 -10.79 -3.67
C CYS A 263 -35.03 -11.31 -4.86
N LEU A 264 -35.69 -10.42 -5.57
CA LEU A 264 -36.48 -10.80 -6.73
C LEU A 264 -35.60 -11.52 -7.74
N GLY A 265 -34.39 -11.02 -7.93
CA GLY A 265 -33.46 -11.58 -8.90
C GLY A 265 -33.10 -13.03 -8.58
N ILE A 266 -32.93 -13.32 -7.30
CA ILE A 266 -32.54 -14.66 -6.91
C ILE A 266 -33.74 -15.58 -7.03
N GLU A 267 -34.90 -15.09 -6.61
CA GLU A 267 -36.11 -15.89 -6.78
C GLU A 267 -36.28 -16.30 -8.25
N LYS A 268 -35.93 -15.40 -9.14
CA LYS A 268 -36.10 -15.63 -10.57
C LYS A 268 -34.94 -16.38 -11.20
N GLY A 269 -34.04 -16.89 -10.36
CA GLY A 269 -33.03 -17.83 -10.83
C GLY A 269 -31.63 -17.36 -11.17
N CYS A 270 -31.32 -16.10 -10.90
N CYS A 270 -31.32 -16.10 -10.88
CA CYS A 270 -29.98 -15.60 -11.24
CA CYS A 270 -30.00 -15.56 -11.17
C CYS A 270 -28.92 -16.27 -10.39
C CYS A 270 -28.90 -16.23 -10.35
N GLU A 271 -27.74 -16.46 -10.97
CA GLU A 271 -26.63 -17.11 -10.29
C GLU A 271 -25.64 -16.15 -9.57
N PHE A 272 -25.56 -14.90 -10.01
CA PHE A 272 -24.69 -13.91 -9.37
C PHE A 272 -25.46 -12.64 -9.15
N VAL A 273 -25.07 -11.87 -8.14
CA VAL A 273 -25.50 -10.48 -8.04
C VAL A 273 -24.27 -9.59 -7.86
N ARG A 274 -24.27 -8.45 -8.54
CA ARG A 274 -23.16 -7.51 -8.49
C ARG A 274 -23.56 -6.31 -7.64
N VAL A 275 -22.91 -6.16 -6.49
CA VAL A 275 -23.40 -5.24 -5.46
C VAL A 275 -22.32 -4.37 -4.82
N HIS A 276 -22.69 -3.20 -4.32
CA HIS A 276 -21.76 -2.38 -3.56
C HIS A 276 -21.76 -2.79 -2.10
N ASP A 277 -22.95 -3.03 -1.57
CA ASP A 277 -23.11 -3.31 -0.15
C ASP A 277 -22.99 -4.81 0.12
N VAL A 278 -21.74 -5.29 0.16
CA VAL A 278 -21.48 -6.71 0.25
C VAL A 278 -22.01 -7.35 1.54
N LYS A 279 -21.74 -6.73 2.68
CA LYS A 279 -22.22 -7.30 3.94
C LYS A 279 -23.71 -7.57 3.86
N GLU A 280 -24.48 -6.52 3.65
CA GLU A 280 -25.92 -6.59 3.59
C GLU A 280 -26.40 -7.59 2.53
N MET A 281 -26.03 -7.36 1.28
CA MET A 281 -26.55 -8.16 0.18
C MET A 281 -26.20 -9.63 0.33
N SER A 282 -25.00 -9.90 0.83
CA SER A 282 -24.58 -11.27 1.11
C SER A 282 -25.57 -11.93 2.08
N ARG A 283 -26.00 -11.19 3.09
CA ARG A 283 -26.96 -11.70 4.07
C ARG A 283 -28.31 -11.96 3.47
N MET A 284 -28.84 -11.00 2.71
CA MET A 284 -30.13 -11.21 2.03
C MET A 284 -30.06 -12.40 1.10
N ALA A 285 -29.01 -12.46 0.29
CA ALA A 285 -28.88 -13.56 -0.66
C ALA A 285 -28.93 -14.90 0.07
N LYS A 286 -28.10 -15.03 1.12
CA LYS A 286 -28.01 -16.27 1.87
C LYS A 286 -29.37 -16.70 2.40
N MET A 287 -30.15 -15.73 2.87
CA MET A 287 -31.49 -16.02 3.35
C MET A 287 -32.38 -16.50 2.17
N MET A 288 -32.36 -15.79 1.05
CA MET A 288 -33.12 -16.21 -0.13
C MET A 288 -32.76 -17.65 -0.47
N ASP A 289 -31.47 -17.91 -0.65
CA ASP A 289 -30.99 -19.25 -0.99
C ASP A 289 -31.64 -20.31 -0.10
N ALA A 290 -31.62 -20.07 1.21
CA ALA A 290 -32.20 -21.02 2.15
C ALA A 290 -33.67 -21.24 1.88
N MET A 291 -34.40 -20.16 1.62
CA MET A 291 -35.83 -20.28 1.38
C MET A 291 -36.18 -20.98 0.07
N ILE A 292 -35.48 -20.64 -1.02
CA ILE A 292 -35.81 -21.25 -2.31
C ILE A 292 -35.20 -22.65 -2.45
N GLY A 293 -34.31 -23.00 -1.52
CA GLY A 293 -33.63 -24.29 -1.53
C GLY A 293 -32.52 -24.34 -2.57
N LYS A 294 -31.40 -23.71 -2.28
CA LYS A 294 -30.30 -23.59 -3.24
C LYS A 294 -28.97 -23.89 -2.57
N LYS B 22 20.32 10.73 35.46
CA LYS B 22 21.51 11.12 34.69
C LYS B 22 21.17 12.12 33.58
N TRP B 23 20.10 11.86 32.82
CA TRP B 23 19.52 12.90 31.95
C TRP B 23 18.35 13.56 32.68
N ASP B 24 18.32 14.89 32.71
CA ASP B 24 17.24 15.57 33.42
C ASP B 24 16.10 16.02 32.49
N TYR B 25 16.12 15.53 31.26
CA TYR B 25 15.04 15.78 30.31
C TYR B 25 14.75 14.58 29.41
N ASP B 26 13.55 14.55 28.82
CA ASP B 26 13.18 13.53 27.82
C ASP B 26 13.30 14.13 26.43
N LEU B 27 13.61 13.28 25.46
CA LEU B 27 13.60 13.71 24.07
C LEU B 27 12.14 13.84 23.63
N ARG B 28 11.75 15.07 23.30
CA ARG B 28 10.37 15.38 22.95
C ARG B 28 10.12 15.32 21.44
N CYS B 29 9.34 14.32 21.02
CA CYS B 29 9.11 14.10 19.60
C CYS B 29 7.64 14.22 19.20
N GLY B 30 7.08 15.41 19.41
CA GLY B 30 5.69 15.65 19.06
C GLY B 30 4.77 14.76 19.87
N GLU B 31 4.05 13.87 19.19
CA GLU B 31 3.14 12.97 19.88
C GLU B 31 3.86 11.91 20.71
N TYR B 32 5.15 11.71 20.42
CA TYR B 32 5.94 10.72 21.14
C TYR B 32 7.00 11.38 22.04
N THR B 33 7.31 10.72 23.14
CA THR B 33 8.33 11.17 24.06
C THR B 33 9.27 10.02 24.36
N LEU B 34 10.57 10.25 24.15
CA LEU B 34 11.59 9.21 24.36
C LEU B 34 12.45 9.47 25.60
N ASN B 35 12.40 8.52 26.53
CA ASN B 35 13.15 8.61 27.76
C ASN B 35 14.60 8.19 27.53
N LEU B 36 15.54 9.01 27.97
CA LEU B 36 16.96 8.75 27.72
C LEU B 36 17.61 7.88 28.79
N ASN B 37 16.88 7.56 29.84
CA ASN B 37 17.47 6.86 30.98
C ASN B 37 17.08 5.39 31.11
N GLU B 38 15.83 5.09 30.76
CA GLU B 38 15.31 3.73 30.85
C GLU B 38 16.20 2.70 30.15
N LYS B 39 16.54 2.96 28.91
CA LYS B 39 17.16 1.94 28.08
C LYS B 39 17.84 2.55 26.87
N THR B 40 18.70 1.79 26.23
CA THR B 40 19.28 2.22 24.96
C THR B 40 18.20 2.21 23.90
N LEU B 41 18.07 3.32 23.17
CA LEU B 41 17.03 3.46 22.16
C LEU B 41 17.48 2.94 20.81
N ILE B 42 16.64 2.10 20.20
CA ILE B 42 16.99 1.45 18.96
C ILE B 42 16.39 2.19 17.76
N MET B 43 17.25 2.70 16.88
CA MET B 43 16.80 3.28 15.63
C MET B 43 16.90 2.26 14.49
N GLY B 44 15.76 1.88 13.93
CA GLY B 44 15.73 0.89 12.85
C GLY B 44 15.91 1.56 11.50
N ILE B 45 16.73 0.97 10.63
CA ILE B 45 17.04 1.57 9.34
C ILE B 45 16.09 1.06 8.27
N LEU B 46 15.17 1.92 7.81
CA LEU B 46 14.17 1.48 6.83
C LEU B 46 14.78 1.13 5.48
N ASN B 47 14.39 -0.06 5.00
CA ASN B 47 14.67 -0.55 3.64
C ASN B 47 15.24 -1.96 3.62
N SER B 54 10.64 3.13 -12.26
CA SER B 54 9.57 4.09 -12.00
C SER B 54 9.94 4.99 -10.84
N ASP B 55 9.50 6.25 -10.91
CA ASP B 55 9.79 7.23 -9.87
C ASP B 55 9.05 6.91 -8.56
N GLY B 56 9.32 7.69 -7.53
CA GLY B 56 8.82 7.42 -6.19
C GLY B 56 7.30 7.44 -6.02
N GLY B 57 6.85 7.00 -4.85
CA GLY B 57 5.43 7.05 -4.50
C GLY B 57 4.58 5.86 -4.90
N SER B 58 5.14 4.95 -5.69
CA SER B 58 4.38 3.80 -6.20
C SER B 58 3.98 2.88 -5.06
N TYR B 59 3.01 2.01 -5.35
CA TYR B 59 2.46 1.11 -4.34
C TYR B 59 3.49 0.13 -3.82
N ASN B 60 4.16 -0.56 -4.72
CA ASN B 60 5.12 -1.58 -4.31
C ASN B 60 6.25 -1.01 -3.45
N GLU B 61 6.77 0.14 -3.86
CA GLU B 61 7.84 0.77 -3.12
C GLU B 61 7.34 1.14 -1.73
N VAL B 62 6.25 1.87 -1.67
CA VAL B 62 5.80 2.41 -0.39
C VAL B 62 5.23 1.33 0.52
N ASP B 63 4.67 0.29 -0.08
CA ASP B 63 4.11 -0.77 0.74
C ASP B 63 5.16 -1.67 1.36
N ALA B 64 6.26 -1.88 0.64
CA ALA B 64 7.36 -2.65 1.20
C ALA B 64 7.85 -1.92 2.42
N ALA B 65 7.92 -0.59 2.31
CA ALA B 65 8.39 0.28 3.38
C ALA B 65 7.53 0.19 4.63
N VAL B 66 6.22 0.37 4.47
CA VAL B 66 5.29 0.23 5.59
C VAL B 66 5.45 -1.15 6.26
N ARG B 67 5.57 -2.20 5.45
CA ARG B 67 5.68 -3.54 6.02
C ARG B 67 7.01 -3.77 6.75
N HIS B 68 8.08 -3.14 6.28
CA HIS B 68 9.37 -3.26 6.94
C HIS B 68 9.36 -2.45 8.23
N ALA B 69 8.77 -1.27 8.18
CA ALA B 69 8.64 -0.42 9.36
C ALA B 69 7.92 -1.18 10.46
N LYS B 70 6.79 -1.77 10.10
CA LYS B 70 5.96 -2.53 11.02
C LYS B 70 6.74 -3.68 11.63
N GLU B 71 7.55 -4.34 10.82
CA GLU B 71 8.35 -5.47 11.27
C GLU B 71 9.39 -5.01 12.29
N MET B 72 10.07 -3.91 11.98
CA MET B 72 11.06 -3.35 12.89
C MET B 72 10.39 -2.88 14.17
N ARG B 73 9.20 -2.31 14.04
CA ARG B 73 8.44 -1.94 15.21
C ARG B 73 8.24 -3.15 16.10
N ASP B 74 7.92 -4.28 15.48
CA ASP B 74 7.61 -5.50 16.20
C ASP B 74 8.85 -6.11 16.81
N GLU B 75 10.00 -5.82 16.23
CA GLU B 75 11.24 -6.40 16.68
C GLU B 75 11.94 -5.55 17.74
N GLY B 76 11.40 -4.37 18.03
CA GLY B 76 11.88 -3.56 19.13
C GLY B 76 12.42 -2.18 18.82
N ALA B 77 12.24 -1.73 17.58
CA ALA B 77 12.67 -0.40 17.17
C ALA B 77 11.92 0.65 17.98
N HIS B 78 12.58 1.77 18.32
CA HIS B 78 11.93 2.89 18.99
C HIS B 78 11.82 4.06 18.04
N ILE B 79 12.63 4.03 16.99
CA ILE B 79 12.63 5.06 15.96
C ILE B 79 12.78 4.40 14.60
N ILE B 80 12.09 4.92 13.59
CA ILE B 80 12.28 4.48 12.22
C ILE B 80 13.04 5.55 11.44
N ASP B 81 14.20 5.18 10.89
CA ASP B 81 15.02 6.12 10.16
C ASP B 81 14.76 5.90 8.67
N ILE B 82 14.49 6.99 7.95
CA ILE B 82 14.07 6.89 6.57
C ILE B 82 14.90 7.81 5.68
N GLY B 83 15.67 7.23 4.74
CA GLY B 83 16.42 8.03 3.79
C GLY B 83 17.63 7.35 3.21
N GLY B 84 18.18 7.95 2.16
CA GLY B 84 19.33 7.39 1.45
C GLY B 84 19.49 7.92 0.04
N GLU B 85 20.54 7.47 -0.63
CA GLU B 85 20.89 8.02 -1.95
C GLU B 85 21.12 6.93 -3.01
N SER B 95 19.04 15.02 -7.16
CA SER B 95 17.92 15.94 -7.28
C SER B 95 17.19 16.08 -5.96
N VAL B 96 16.88 17.31 -5.56
CA VAL B 96 16.17 17.54 -4.31
C VAL B 96 14.65 17.34 -4.45
N GLU B 97 14.09 17.80 -5.55
CA GLU B 97 12.67 17.58 -5.78
C GLU B 97 12.39 16.08 -5.86
N GLU B 98 13.29 15.35 -6.52
CA GLU B 98 13.20 13.89 -6.61
C GLU B 98 13.32 13.24 -5.23
N GLU B 99 14.34 13.64 -4.47
CA GLU B 99 14.51 13.10 -3.12
C GLU B 99 13.23 13.32 -2.30
N ILE B 100 12.60 14.48 -2.47
CA ILE B 100 11.35 14.76 -1.80
C ILE B 100 10.24 13.85 -2.33
N LYS B 101 10.15 13.72 -3.65
CA LYS B 101 9.15 12.86 -4.28
C LYS B 101 9.24 11.43 -3.77
N ARG B 102 10.44 10.95 -3.53
CA ARG B 102 10.60 9.55 -3.17
C ARG B 102 10.43 9.33 -1.67
N VAL B 103 10.76 10.35 -0.88
CA VAL B 103 10.80 10.19 0.58
C VAL B 103 9.51 10.63 1.30
N VAL B 104 8.85 11.66 0.78
CA VAL B 104 7.64 12.14 1.42
C VAL B 104 6.49 11.11 1.42
N PRO B 105 6.31 10.38 0.31
CA PRO B 105 5.26 9.36 0.35
C PRO B 105 5.52 8.33 1.46
N MET B 106 6.78 7.99 1.66
CA MET B 106 7.14 6.98 2.66
C MET B 106 6.88 7.45 4.07
N ILE B 107 7.24 8.69 4.38
CA ILE B 107 6.98 9.25 5.69
C ILE B 107 5.48 9.30 5.95
N GLN B 108 4.74 9.82 4.98
CA GLN B 108 3.29 9.96 5.12
C GLN B 108 2.62 8.64 5.50
N ALA B 109 2.99 7.58 4.80
CA ALA B 109 2.39 6.27 5.04
C ALA B 109 2.85 5.66 6.36
N VAL B 110 4.16 5.66 6.59
CA VAL B 110 4.72 5.08 7.81
C VAL B 110 4.23 5.82 9.05
N SER B 111 4.16 7.14 8.97
CA SER B 111 3.69 7.92 10.12
C SER B 111 2.25 7.53 10.47
N LYS B 112 1.42 7.33 9.45
CA LYS B 112 0.04 6.95 9.67
C LYS B 112 -0.09 5.53 10.20
N GLU B 113 0.67 4.61 9.63
CA GLU B 113 0.43 3.19 9.88
C GLU B 113 1.29 2.54 10.96
N VAL B 114 2.35 3.24 11.38
CA VAL B 114 3.25 2.75 12.43
C VAL B 114 3.49 3.83 13.49
N LYS B 115 3.18 3.50 14.73
CA LYS B 115 3.20 4.51 15.78
C LYS B 115 4.57 4.63 16.46
N LEU B 116 5.57 5.05 15.69
CA LEU B 116 6.89 5.35 16.22
C LEU B 116 7.34 6.70 15.66
N PRO B 117 8.20 7.40 16.40
CA PRO B 117 8.80 8.61 15.82
C PRO B 117 9.63 8.29 14.58
N ILE B 118 9.58 9.17 13.59
CA ILE B 118 10.34 8.98 12.38
C ILE B 118 11.45 10.00 12.26
N SER B 119 12.59 9.58 11.76
CA SER B 119 13.65 10.53 11.49
C SER B 119 13.93 10.52 10.00
N ILE B 120 14.08 11.71 9.43
CA ILE B 120 14.39 11.87 8.03
C ILE B 120 15.92 11.97 7.85
N ASP B 121 16.49 10.95 7.23
CA ASP B 121 17.93 10.89 6.97
C ASP B 121 18.26 11.78 5.77
N THR B 122 18.60 13.04 6.04
CA THR B 122 18.91 14.00 4.97
C THR B 122 19.89 15.07 5.46
N TYR B 123 20.63 15.68 4.54
CA TYR B 123 21.48 16.81 4.89
C TYR B 123 21.06 18.07 4.15
N LYS B 124 19.85 18.05 3.58
CA LYS B 124 19.36 19.17 2.79
C LYS B 124 18.19 19.84 3.50
N ALA B 125 18.29 21.16 3.63
CA ALA B 125 17.31 21.94 4.38
C ALA B 125 15.88 21.73 3.91
N GLU B 126 15.68 21.74 2.59
CA GLU B 126 14.32 21.67 2.04
C GLU B 126 13.70 20.27 2.15
N VAL B 127 14.55 19.23 2.10
CA VAL B 127 14.07 17.87 2.28
C VAL B 127 13.59 17.69 3.71
N ALA B 128 14.30 18.31 4.65
CA ALA B 128 13.95 18.18 6.06
C ALA B 128 12.61 18.86 6.33
N LYS B 129 12.42 20.05 5.75
CA LYS B 129 11.17 20.78 5.93
C LYS B 129 9.98 19.95 5.41
N GLN B 130 10.02 19.57 4.13
CA GLN B 130 8.95 18.77 3.53
C GLN B 130 8.70 17.48 4.31
N ALA B 131 9.79 16.84 4.73
CA ALA B 131 9.71 15.60 5.48
C ALA B 131 8.93 15.80 6.77
N ILE B 132 9.22 16.88 7.49
CA ILE B 132 8.56 17.16 8.75
C ILE B 132 7.08 17.45 8.56
N GLU B 133 6.75 18.20 7.51
CA GLU B 133 5.36 18.45 7.16
C GLU B 133 4.64 17.14 6.87
N ALA B 134 5.39 16.19 6.33
CA ALA B 134 4.86 14.89 5.98
C ALA B 134 4.63 14.01 7.22
N GLY B 135 5.29 14.36 8.32
CA GLY B 135 5.10 13.63 9.57
C GLY B 135 6.37 13.24 10.30
N ALA B 136 7.53 13.47 9.71
CA ALA B 136 8.78 13.12 10.36
C ALA B 136 9.01 13.95 11.64
N HIS B 137 9.65 13.34 12.65
CA HIS B 137 9.77 13.95 13.97
C HIS B 137 11.19 14.44 14.29
N ILE B 138 12.19 13.87 13.62
CA ILE B 138 13.60 14.07 13.94
C ILE B 138 14.40 14.25 12.65
N ILE B 139 15.30 15.22 12.63
CA ILE B 139 16.18 15.40 11.49
C ILE B 139 17.45 14.62 11.75
N ASN B 140 17.93 13.89 10.76
CA ASN B 140 19.15 13.10 10.92
C ASN B 140 20.20 13.51 9.91
N ASP B 141 21.15 14.35 10.31
CA ASP B 141 22.04 14.98 9.34
C ASP B 141 23.47 14.45 9.34
N ILE B 142 23.83 13.64 8.33
CA ILE B 142 25.20 13.12 8.24
C ILE B 142 26.29 14.19 8.11
N TRP B 143 25.93 15.44 7.90
CA TRP B 143 26.93 16.49 7.73
C TRP B 143 26.92 17.51 8.87
N GLY B 144 26.10 17.25 9.88
CA GLY B 144 26.04 18.10 11.06
C GLY B 144 25.76 19.55 10.74
N ALA B 145 24.84 19.78 9.81
CA ALA B 145 24.44 21.12 9.43
C ALA B 145 25.55 21.94 8.78
N LYS B 146 26.55 21.25 8.26
CA LYS B 146 27.62 21.92 7.54
C LYS B 146 27.37 21.93 6.04
N ALA B 147 26.54 21.00 5.58
CA ALA B 147 26.16 20.95 4.18
C ALA B 147 25.23 22.13 3.87
N GLU B 148 24.15 22.22 4.63
CA GLU B 148 23.19 23.30 4.47
C GLU B 148 22.78 23.84 5.83
N PRO B 149 23.54 24.82 6.32
CA PRO B 149 23.28 25.42 7.64
C PRO B 149 21.82 25.79 7.84
N LYS B 150 21.10 26.03 6.75
CA LYS B 150 19.68 26.37 6.81
C LYS B 150 18.85 25.23 7.42
N ILE B 151 19.42 24.04 7.48
CA ILE B 151 18.71 22.91 8.04
C ILE B 151 18.50 23.12 9.54
N ALA B 152 19.50 23.72 10.18
CA ALA B 152 19.41 24.09 11.59
C ALA B 152 18.24 25.03 11.84
N GLU B 153 18.02 25.97 10.93
CA GLU B 153 16.85 26.84 11.01
C GLU B 153 15.57 26.04 10.96
N VAL B 154 15.53 25.04 10.09
CA VAL B 154 14.32 24.22 9.95
C VAL B 154 14.05 23.52 11.27
N ALA B 155 15.11 22.92 11.83
CA ALA B 155 15.02 22.25 13.11
C ALA B 155 14.49 23.21 14.18
N ALA B 156 15.08 24.40 14.24
CA ALA B 156 14.69 25.39 15.24
C ALA B 156 13.22 25.74 15.11
N HIS B 157 12.80 26.02 13.88
CA HIS B 157 11.42 26.44 13.64
C HIS B 157 10.39 25.36 14.00
N TYR B 158 10.70 24.10 13.66
CA TYR B 158 9.75 23.03 13.93
C TYR B 158 9.97 22.46 15.32
N ASP B 159 11.03 22.93 15.97
CA ASP B 159 11.38 22.54 17.33
C ASP B 159 11.55 21.04 17.46
N VAL B 160 12.22 20.44 16.49
CA VAL B 160 12.47 19.00 16.48
C VAL B 160 13.92 18.69 16.84
N PRO B 161 14.17 17.48 17.37
CA PRO B 161 15.55 17.05 17.65
C PRO B 161 16.33 16.87 16.37
N ILE B 162 17.60 17.20 16.36
CA ILE B 162 18.42 16.99 15.18
C ILE B 162 19.69 16.26 15.56
N ILE B 163 20.05 15.25 14.76
CA ILE B 163 21.26 14.49 15.00
C ILE B 163 22.37 15.12 14.18
N LEU B 164 23.49 15.42 14.81
CA LEU B 164 24.60 16.03 14.10
C LEU B 164 25.73 15.04 14.06
N MET B 165 25.98 14.47 12.88
CA MET B 165 27.00 13.44 12.77
C MET B 165 28.35 14.07 12.45
N HIS B 166 29.41 13.48 12.98
CA HIS B 166 30.72 13.94 12.62
C HIS B 166 31.01 13.55 11.19
N ASN B 167 31.47 14.51 10.39
CA ASN B 167 31.88 14.24 9.02
C ASN B 167 32.91 15.30 8.63
N ARG B 168 33.67 15.01 7.58
CA ARG B 168 34.60 15.99 7.02
C ARG B 168 35.09 15.46 5.68
N ASP B 169 35.71 16.32 4.88
CA ASP B 169 36.07 15.96 3.51
C ASP B 169 37.45 15.30 3.37
N ASN B 170 38.06 14.97 4.51
CA ASN B 170 39.41 14.41 4.50
C ASN B 170 39.63 13.49 5.69
N MET B 171 40.74 12.76 5.67
CA MET B 171 41.08 11.88 6.79
C MET B 171 42.39 12.31 7.46
N ASN B 172 42.69 13.61 7.41
CA ASN B 172 43.91 14.13 8.01
C ASN B 172 43.71 14.62 9.45
N TYR B 173 43.97 13.74 10.40
CA TYR B 173 43.71 14.07 11.79
C TYR B 173 45.00 14.30 12.59
N ARG B 174 45.09 15.47 13.21
CA ARG B 174 46.15 15.76 14.16
C ARG B 174 46.03 14.84 15.37
N ASN B 175 44.82 14.74 15.87
CA ASN B 175 44.50 13.92 17.02
C ASN B 175 43.05 13.53 16.83
N LEU B 176 42.81 12.27 16.47
CA LEU B 176 41.49 11.82 15.98
C LEU B 176 40.33 12.29 16.86
N MET B 177 40.34 11.85 18.13
CA MET B 177 39.24 12.16 19.05
C MET B 177 39.08 13.63 19.35
N ALA B 178 40.21 14.31 19.55
CA ALA B 178 40.22 15.74 19.80
C ALA B 178 39.65 16.47 18.60
N ASP B 179 40.11 16.10 17.41
CA ASP B 179 39.64 16.72 16.17
C ASP B 179 38.15 16.48 15.97
N MET B 180 37.69 15.27 16.25
CA MET B 180 36.26 14.94 16.10
C MET B 180 35.42 15.81 17.01
N ILE B 181 35.83 15.92 18.27
CA ILE B 181 35.13 16.77 19.23
C ILE B 181 35.06 18.22 18.75
N ALA B 182 36.22 18.79 18.42
CA ALA B 182 36.24 20.10 17.79
C ALA B 182 35.24 20.18 16.59
N ASP B 183 35.34 19.21 15.68
CA ASP B 183 34.42 19.20 14.54
C ASP B 183 32.97 19.20 14.98
N LEU B 184 32.64 18.37 15.96
CA LEU B 184 31.26 18.29 16.44
C LEU B 184 30.80 19.60 17.07
N TYR B 185 31.70 20.26 17.80
CA TYR B 185 31.39 21.54 18.43
CA TYR B 185 31.32 21.52 18.44
C TYR B 185 31.01 22.58 17.39
N ASP B 186 31.74 22.57 16.28
CA ASP B 186 31.42 23.44 15.16
C ASP B 186 29.97 23.21 14.68
N SER B 187 29.55 21.94 14.63
CA SER B 187 28.16 21.64 14.29
C SER B 187 27.22 22.18 15.35
N ILE B 188 27.59 21.99 16.62
CA ILE B 188 26.75 22.44 17.71
C ILE B 188 26.59 23.96 17.68
N LYS B 189 27.66 24.65 17.32
CA LYS B 189 27.63 26.12 17.26
C LYS B 189 26.62 26.55 16.20
N ILE B 190 26.70 25.95 15.02
CA ILE B 190 25.75 26.27 13.96
C ILE B 190 24.30 26.10 14.43
N ALA B 191 24.03 24.97 15.08
CA ALA B 191 22.67 24.62 15.49
C ALA B 191 22.12 25.65 16.48
N LYS B 192 22.93 25.98 17.48
CA LYS B 192 22.50 26.90 18.52
C LYS B 192 22.41 28.32 17.99
N ASP B 193 23.32 28.67 17.09
CA ASP B 193 23.30 29.97 16.41
C ASP B 193 22.01 30.12 15.60
N ALA B 194 21.43 29.00 15.18
CA ALA B 194 20.18 29.05 14.43
C ALA B 194 18.97 29.06 15.37
N GLY B 195 19.22 28.71 16.64
CA GLY B 195 18.16 28.69 17.64
C GLY B 195 17.76 27.32 18.18
N VAL B 196 18.51 26.28 17.84
CA VAL B 196 18.23 24.93 18.37
C VAL B 196 18.51 24.87 19.88
N ARG B 197 17.54 24.42 20.65
CA ARG B 197 17.69 24.27 22.10
C ARG B 197 18.59 23.08 22.41
N ASP B 198 19.40 23.19 23.46
CA ASP B 198 20.28 22.10 23.83
C ASP B 198 19.54 20.76 23.86
N GLU B 199 18.31 20.76 24.37
CA GLU B 199 17.50 19.53 24.48
C GLU B 199 17.22 18.86 23.13
N ASN B 200 17.45 19.59 22.04
CA ASN B 200 17.12 19.07 20.73
C ASN B 200 18.34 18.63 19.95
N ILE B 201 19.48 18.52 20.64
CA ILE B 201 20.73 18.16 19.99
C ILE B 201 21.18 16.74 20.35
N ILE B 202 21.51 15.97 19.31
CA ILE B 202 22.05 14.62 19.47
C ILE B 202 23.33 14.51 18.66
N LEU B 203 24.34 13.82 19.18
CA LEU B 203 25.62 13.74 18.48
C LEU B 203 25.90 12.34 17.98
N ASP B 204 26.68 12.26 16.90
CA ASP B 204 27.01 10.98 16.27
C ASP B 204 28.46 11.05 15.82
N PRO B 205 29.29 10.08 16.24
CA PRO B 205 30.72 10.03 15.90
C PRO B 205 31.02 9.74 14.42
N GLY B 206 30.01 9.38 13.64
CA GLY B 206 30.23 9.15 12.23
C GLY B 206 31.25 8.07 11.95
N ILE B 207 31.12 6.93 12.63
CA ILE B 207 31.93 5.77 12.32
C ILE B 207 31.74 5.37 10.86
N GLY B 208 32.83 5.07 10.17
CA GLY B 208 32.75 4.69 8.77
C GLY B 208 32.64 5.87 7.84
N PHE B 209 32.77 7.08 8.39
CA PHE B 209 32.83 8.29 7.57
C PHE B 209 34.16 9.02 7.78
N ALA B 210 34.78 9.38 6.67
CA ALA B 210 36.04 10.10 6.70
C ALA B 210 37.00 9.51 7.72
N LYS B 211 37.08 8.18 7.75
CA LYS B 211 37.99 7.48 8.66
C LYS B 211 38.56 6.20 8.05
N THR B 212 39.85 6.00 8.20
CA THR B 212 40.48 4.74 7.88
C THR B 212 39.89 3.66 8.79
N PRO B 213 40.04 2.39 8.42
CA PRO B 213 39.53 1.33 9.29
C PRO B 213 40.14 1.43 10.68
N GLU B 214 41.44 1.67 10.73
CA GLU B 214 42.14 1.79 12.00
C GLU B 214 41.60 2.98 12.79
N GLN B 215 41.24 4.04 12.09
CA GLN B 215 40.68 5.20 12.77
C GLN B 215 39.30 4.88 13.35
N ASN B 216 38.50 4.15 12.57
CA ASN B 216 37.18 3.72 13.04
C ASN B 216 37.28 2.92 14.34
N LEU B 217 38.25 2.01 14.41
CA LEU B 217 38.46 1.25 15.64
C LEU B 217 38.95 2.15 16.77
N GLU B 218 39.79 3.13 16.42
CA GLU B 218 40.29 4.07 17.43
C GLU B 218 39.13 4.81 18.07
N ALA B 219 38.24 5.33 17.23
CA ALA B 219 37.06 6.05 17.70
C ALA B 219 36.19 5.18 18.61
N MET B 220 35.81 3.99 18.14
CA MET B 220 35.10 3.02 18.98
C MET B 220 35.80 2.87 20.32
N ARG B 221 37.13 2.75 20.27
CA ARG B 221 37.92 2.56 21.47
C ARG B 221 37.76 3.71 22.47
N ASN B 222 37.51 4.92 21.97
CA ASN B 222 37.49 6.10 22.83
C ASN B 222 36.19 6.88 22.80
N LEU B 223 35.13 6.22 22.34
CA LEU B 223 33.82 6.84 22.24
C LEU B 223 33.43 7.61 23.48
N GLU B 224 33.84 7.14 24.65
CA GLU B 224 33.37 7.72 25.90
C GLU B 224 33.79 9.20 26.05
N GLN B 225 34.74 9.65 25.24
CA GLN B 225 35.15 11.04 25.30
C GLN B 225 34.07 12.00 24.80
N LEU B 226 33.21 11.53 23.90
CA LEU B 226 32.16 12.39 23.36
C LEU B 226 31.23 12.87 24.47
N ASN B 227 31.17 12.09 25.54
CA ASN B 227 30.28 12.41 26.64
C ASN B 227 30.56 13.77 27.30
N VAL B 228 31.83 14.22 27.26
CA VAL B 228 32.19 15.48 27.92
C VAL B 228 31.42 16.66 27.37
N LEU B 229 30.93 16.55 26.14
CA LEU B 229 30.19 17.61 25.50
C LEU B 229 28.80 17.80 26.09
N GLY B 230 28.32 16.79 26.81
CA GLY B 230 27.03 16.86 27.48
C GLY B 230 25.79 16.68 26.61
N TYR B 231 25.89 15.96 25.47
CA TYR B 231 24.70 15.64 24.63
C TYR B 231 24.54 14.14 24.38
N PRO B 232 23.28 13.67 24.28
CA PRO B 232 23.08 12.25 23.94
C PRO B 232 23.87 11.87 22.71
N VAL B 233 24.36 10.65 22.68
CA VAL B 233 25.17 10.16 21.57
C VAL B 233 24.49 8.98 20.85
N LEU B 234 24.45 9.07 19.52
CA LEU B 234 23.90 7.99 18.71
C LEU B 234 25.03 7.31 17.93
N LEU B 235 25.08 5.99 18.01
CA LEU B 235 26.11 5.20 17.32
C LEU B 235 25.57 4.54 16.05
N GLY B 236 26.28 4.75 14.95
CA GLY B 236 25.89 4.19 13.66
C GLY B 236 27.00 3.38 13.04
N THR B 237 26.99 2.07 13.30
CA THR B 237 28.04 1.17 12.85
C THR B 237 27.51 -0.04 12.07
N SER B 238 26.19 -0.18 12.02
CA SER B 238 25.56 -1.41 11.50
C SER B 238 26.13 -1.86 10.15
N ARG B 239 26.76 -3.04 10.15
CA ARG B 239 27.26 -3.70 8.94
C ARG B 239 28.34 -2.94 8.15
N LYS B 240 28.89 -1.89 8.74
CA LYS B 240 29.82 -1.02 8.02
C LYS B 240 31.11 -1.70 7.58
N SER B 241 31.80 -1.06 6.65
CA SER B 241 33.02 -1.59 6.08
C SER B 241 34.08 -1.99 7.13
N PHE B 242 34.20 -1.23 8.21
CA PHE B 242 35.31 -1.51 9.13
C PHE B 242 35.15 -2.85 9.85
N ILE B 243 33.91 -3.30 10.01
CA ILE B 243 33.66 -4.61 10.60
C ILE B 243 34.12 -5.67 9.61
N GLY B 244 33.74 -5.46 8.35
CA GLY B 244 34.16 -6.36 7.27
C GLY B 244 35.68 -6.45 7.23
N HIS B 245 36.35 -5.33 7.49
CA HIS B 245 37.80 -5.30 7.42
C HIS B 245 38.42 -6.12 8.53
N VAL B 246 37.80 -6.11 9.70
CA VAL B 246 38.31 -6.87 10.83
C VAL B 246 38.04 -8.37 10.68
N LEU B 247 36.78 -8.72 10.43
CA LEU B 247 36.37 -10.13 10.36
C LEU B 247 36.62 -10.77 8.99
N ASP B 248 36.93 -9.95 8.00
CA ASP B 248 36.98 -10.40 6.61
C ASP B 248 35.70 -11.17 6.25
N LEU B 249 34.56 -10.49 6.30
CA LEU B 249 33.26 -11.07 6.01
C LEU B 249 32.41 -10.07 5.23
N PRO B 250 31.57 -10.57 4.32
CA PRO B 250 30.77 -9.66 3.50
C PRO B 250 29.61 -9.09 4.29
N VAL B 251 28.93 -8.09 3.73
CA VAL B 251 27.90 -7.33 4.43
C VAL B 251 26.80 -8.16 5.10
N GLU B 252 26.45 -9.30 4.51
CA GLU B 252 25.37 -10.10 5.07
C GLU B 252 25.87 -10.98 6.22
N GLU B 253 27.17 -11.00 6.43
CA GLU B 253 27.77 -11.80 7.49
C GLU B 253 28.41 -10.91 8.58
N ARG B 254 27.76 -9.79 8.90
CA ARG B 254 28.34 -8.88 9.87
C ARG B 254 27.42 -8.63 11.08
N LEU B 255 26.56 -9.58 11.39
CA LEU B 255 25.66 -9.43 12.53
C LEU B 255 26.42 -9.51 13.86
N GLU B 256 27.36 -10.46 13.95
CA GLU B 256 28.14 -10.65 15.16
C GLU B 256 29.08 -9.46 15.38
N GLY B 257 29.78 -9.04 14.32
CA GLY B 257 30.60 -7.84 14.42
C GLY B 257 29.79 -6.63 14.80
N THR B 258 28.65 -6.42 14.15
CA THR B 258 27.80 -5.27 14.48
C THR B 258 27.44 -5.38 15.96
N GLY B 259 27.18 -6.60 16.41
CA GLY B 259 26.83 -6.84 17.79
C GLY B 259 27.90 -6.32 18.74
N ALA B 260 29.15 -6.68 18.46
CA ALA B 260 30.27 -6.25 19.28
C ALA B 260 30.31 -4.73 19.38
N THR B 261 30.21 -4.05 18.24
CA THR B 261 30.28 -2.58 18.23
C THR B 261 29.15 -1.97 19.05
N VAL B 262 27.95 -2.53 18.90
CA VAL B 262 26.79 -2.08 19.66
C VAL B 262 27.04 -2.25 21.14
N CYS B 263 27.54 -3.41 21.52
CA CYS B 263 27.84 -3.65 22.92
C CYS B 263 28.87 -2.67 23.46
N LEU B 264 29.97 -2.47 22.72
CA LEU B 264 31.02 -1.58 23.20
C LEU B 264 30.47 -0.15 23.38
N GLY B 265 29.74 0.32 22.37
CA GLY B 265 29.17 1.65 22.39
C GLY B 265 28.19 1.89 23.52
N ILE B 266 27.51 0.87 23.99
CA ILE B 266 26.55 1.06 25.06
C ILE B 266 27.31 1.11 26.36
N GLU B 267 28.30 0.23 26.48
CA GLU B 267 29.18 0.30 27.65
C GLU B 267 29.77 1.72 27.79
N LYS B 268 30.12 2.32 26.66
CA LYS B 268 30.74 3.64 26.68
C LYS B 268 29.72 4.79 26.72
N GLY B 269 28.47 4.48 27.06
CA GLY B 269 27.47 5.50 27.36
C GLY B 269 26.63 6.07 26.23
N CYS B 270 26.59 5.43 25.06
CA CYS B 270 25.77 5.96 23.99
CA CYS B 270 25.77 5.93 23.98
C CYS B 270 24.29 5.76 24.32
N GLU B 271 23.46 6.70 23.88
CA GLU B 271 22.01 6.64 24.14
C GLU B 271 21.16 5.93 23.05
N PHE B 272 21.60 5.96 21.79
CA PHE B 272 20.88 5.27 20.69
C PHE B 272 21.86 4.48 19.88
N VAL B 273 21.37 3.41 19.24
CA VAL B 273 22.12 2.74 18.18
C VAL B 273 21.25 2.61 16.94
N ARG B 274 21.85 2.87 15.77
CA ARG B 274 21.17 2.81 14.48
C ARG B 274 21.54 1.50 13.81
N VAL B 275 20.55 0.63 13.60
CA VAL B 275 20.83 -0.75 13.21
C VAL B 275 19.89 -1.29 12.14
N HIS B 276 20.39 -2.25 11.34
CA HIS B 276 19.52 -2.96 10.41
C HIS B 276 18.88 -4.13 11.14
N ASP B 277 19.65 -4.79 12.00
CA ASP B 277 19.18 -6.01 12.63
C ASP B 277 18.46 -5.72 13.94
N VAL B 278 17.23 -5.24 13.83
CA VAL B 278 16.52 -4.75 14.99
C VAL B 278 16.30 -5.84 16.04
N LYS B 279 15.75 -6.99 15.64
CA LYS B 279 15.47 -8.06 16.60
C LYS B 279 16.72 -8.37 17.43
N GLU B 280 17.77 -8.76 16.73
CA GLU B 280 19.01 -9.18 17.36
C GLU B 280 19.66 -8.07 18.23
N MET B 281 19.81 -6.89 17.65
CA MET B 281 20.49 -5.80 18.33
C MET B 281 19.72 -5.32 19.54
N SER B 282 18.39 -5.36 19.41
CA SER B 282 17.49 -5.00 20.49
C SER B 282 17.71 -5.91 21.71
N ARG B 283 18.03 -7.18 21.46
CA ARG B 283 18.28 -8.15 22.52
C ARG B 283 19.63 -7.91 23.19
N MET B 284 20.66 -7.68 22.38
CA MET B 284 21.98 -7.44 22.91
C MET B 284 21.91 -6.20 23.78
N ALA B 285 21.27 -5.17 23.26
CA ALA B 285 21.18 -3.89 23.96
C ALA B 285 20.48 -4.06 25.31
N LYS B 286 19.33 -4.74 25.28
CA LYS B 286 18.58 -4.96 26.53
C LYS B 286 19.46 -5.69 27.54
N MET B 287 20.30 -6.61 27.07
CA MET B 287 21.16 -7.34 28.00
C MET B 287 22.29 -6.43 28.52
N MET B 288 22.86 -5.59 27.65
CA MET B 288 23.89 -4.64 28.07
C MET B 288 23.29 -3.73 29.13
N ASP B 289 22.22 -3.02 28.75
CA ASP B 289 21.50 -2.16 29.67
C ASP B 289 21.39 -2.80 31.05
N ALA B 290 20.93 -4.04 31.07
CA ALA B 290 20.72 -4.73 32.34
C ALA B 290 22.03 -4.90 33.08
N MET B 291 23.09 -5.23 32.36
CA MET B 291 24.39 -5.41 32.99
C MET B 291 24.96 -4.09 33.53
N ILE B 292 24.94 -3.04 32.72
CA ILE B 292 25.49 -1.74 33.16
C ILE B 292 24.53 -0.95 34.06
N GLY B 293 23.31 -1.45 34.23
CA GLY B 293 22.35 -0.85 35.16
C GLY B 293 21.63 0.38 34.65
N LYS B 294 21.41 0.47 33.34
CA LYS B 294 20.70 1.60 32.73
C LYS B 294 19.26 1.76 33.27
S SO4 C . -19.29 2.81 -0.44
O1 SO4 C . -19.78 3.89 -1.28
O2 SO4 C . -19.16 1.58 -1.22
O3 SO4 C . -17.97 3.18 0.08
O4 SO4 C . -20.19 2.62 0.70
S SO4 D . -22.12 -11.80 9.16
O1 SO4 D . -22.93 -11.21 8.10
O2 SO4 D . -20.83 -12.21 8.59
O3 SO4 D . -21.90 -10.82 10.22
O4 SO4 D . -22.78 -12.98 9.71
S SO4 E . -5.28 -10.02 5.45
O1 SO4 E . -5.54 -10.39 4.06
O2 SO4 E . -5.03 -11.24 6.22
O3 SO4 E . -4.11 -9.17 5.47
O4 SO4 E . -6.42 -9.30 6.03
S SO4 F . -29.29 9.08 -10.16
O1 SO4 F . -30.18 9.25 -11.30
O2 SO4 F . -28.72 7.74 -10.09
O3 SO4 F . -28.20 10.04 -10.29
O4 SO4 F . -30.05 9.35 -8.93
C1 0J2 G . -20.85 1.45 -13.22
C2 0J2 G . -22.06 1.64 -15.32
C3 0J2 G . -20.76 0.71 -11.93
O1 0J2 G . -21.81 0.48 -11.26
O2 0J2 G . -19.68 0.15 -11.63
N1 0J2 G . -20.53 -1.00 -14.75
N2 0J2 G . -20.35 -2.31 -15.08
O3 0J2 G . -24.96 -3.66 -14.21
C4 0J2 G . -21.95 0.87 -14.04
N3 0J2 G . -21.63 -6.92 -15.74
C5 0J2 G . -23.67 -3.97 -14.57
C6 0J2 G . -22.65 -2.95 -14.61
N4 0J2 G . -23.35 -5.29 -14.92
C7 0J2 G . -21.40 -3.30 -15.01
C8 0J2 G . -21.70 -0.58 -14.35
C9 0J2 G . -22.84 -1.52 -14.26
N5 0J2 G . -21.05 -4.58 -15.37
O4 0J2 G . -24.06 -1.07 -13.80
C10 0J2 G . -22.00 -5.60 -15.35
S SO4 H . 32.39 -3.13 2.17
O1 SO4 H . 31.91 -3.93 1.06
O2 SO4 H . 31.42 -3.18 3.26
O3 SO4 H . 33.68 -3.65 2.60
O4 SO4 H . 32.53 -1.74 1.74
S SO4 I . 44.42 4.22 21.73
O1 SO4 I . 44.05 5.18 20.69
O2 SO4 I . 45.15 3.11 21.12
O3 SO4 I . 45.28 4.88 22.72
O4 SO4 I . 43.21 3.74 22.39
S SO4 J . 34.03 -17.25 10.13
O1 SO4 J . 33.04 -17.60 9.11
O2 SO4 J . 35.02 -18.32 10.22
O3 SO4 J . 34.70 -16.01 9.75
O4 SO4 J . 33.37 -17.07 11.41
S SO4 K . -0.61 -3.65 12.10
O1 SO4 K . -2.04 -3.63 11.77
O2 SO4 K . 0.07 -4.58 11.20
O3 SO4 K . -0.08 -2.29 11.95
O4 SO4 K . -0.44 -4.10 13.47
S SO4 L . 17.64 -7.20 5.67
O1 SO4 L . 16.55 -7.39 4.72
O2 SO4 L . 18.40 -8.45 5.77
O3 SO4 L . 18.52 -6.13 5.19
O4 SO4 L . 17.11 -6.84 6.99
C1 0J2 M . 23.66 4.89 4.76
C2 0J2 M . 25.73 6.19 4.66
C3 0J2 M . 22.91 3.91 5.59
O1 0J2 M . 23.51 3.15 6.40
O2 0J2 M . 21.66 3.80 5.38
N1 0J2 M . 23.33 7.17 6.46
N2 0J2 M . 22.90 7.95 7.50
O3 0J2 M . 26.08 6.14 10.68
C4 0J2 M . 24.81 5.42 5.54
N3 0J2 M . 22.91 9.64 12.03
C5 0J2 M . 25.02 6.97 10.40
C6 0J2 M . 24.48 7.02 9.08
N4 0J2 M . 24.52 7.83 11.39
C7 0J2 M . 23.47 7.89 8.81
C8 0J2 M . 24.30 6.30 6.65
C9 0J2 M . 24.93 6.16 7.97
N5 0J2 M . 22.94 8.74 9.75
O4 0J2 M . 25.89 5.20 8.15
C10 0J2 M . 23.45 8.75 11.05
#